data_3D80
#
_entry.id   3D80
#
_cell.length_a   41.482
_cell.length_b   61.300
_cell.length_c   43.589
_cell.angle_alpha   90.00
_cell.angle_beta   117.23
_cell.angle_gamma   90.00
#
_symmetry.space_group_name_H-M   'P 1 21 1'
#
loop_
_entity.id
_entity.type
_entity.pdbx_description
1 polymer 'Dihydrofolate reductase'
2 non-polymer 'NADPH DIHYDRO-NICOTINAMIDE-ADENINE-DINUCLEOTIDE PHOSPHATE'
3 non-polymer (4aS)-5-[(2,4-diaminopteridin-6-yl)methyl]-4a,5-dihydro-2H-dibenzo[b,f]azepin-8-ol
4 non-polymer GLYCEROL
5 water water
#
_entity_poly.entity_id   1
_entity_poly.type   'polypeptide(L)'
_entity_poly.pdbx_seq_one_letter_code
;VRPLNCIVAVSQNMGIGKNGDLPWPPLRNEFKYFQRMTTTSSVEGKQNLVIMGRKTWFSIPEKNRPLKDRINIVLSRELK
EPPRGAHFLAKSLDDALRLIEQPELASKVDMVWIVGGSSVYQEAMNQPGHLRLFVTRIMQEFESDTFFPEIDLGKYKLLP
EYPGVLSEVQEEKGIKYKFEVYEKKD
;
_entity_poly.pdbx_strand_id   A
#
# COMPACT_ATOMS: atom_id res chain seq x y z
N VAL A 1 8.38 -12.59 2.27
CA VAL A 1 8.84 -11.29 2.86
C VAL A 1 9.81 -10.61 1.90
N ARG A 2 10.38 -11.39 0.99
CA ARG A 2 11.28 -10.86 -0.03
C ARG A 2 10.54 -10.20 -1.19
N PRO A 3 9.35 -10.73 -1.59
CA PRO A 3 8.57 -9.95 -2.56
C PRO A 3 8.01 -8.70 -1.89
N LEU A 4 7.98 -7.60 -2.63
CA LEU A 4 7.45 -6.37 -2.07
C LEU A 4 6.09 -6.13 -2.71
N ASN A 5 5.09 -5.79 -1.91
CA ASN A 5 3.76 -5.50 -2.44
C ASN A 5 3.48 -4.03 -2.26
N CYS A 6 2.97 -3.38 -3.30
CA CYS A 6 2.38 -2.03 -3.19
C CYS A 6 0.88 -2.19 -3.34
N ILE A 7 0.13 -1.42 -2.57
CA ILE A 7 -1.33 -1.40 -2.68
C ILE A 7 -1.79 0.05 -2.75
N VAL A 8 -2.69 0.32 -3.69
CA VAL A 8 -3.13 1.69 -3.97
C VAL A 8 -4.53 1.67 -4.56
N ALA A 9 -5.27 2.79 -4.41
CA ALA A 9 -6.51 3.01 -5.13
C ALA A 9 -6.26 4.25 -5.98
N VAL A 10 -6.60 4.15 -7.26
CA VAL A 10 -6.30 5.21 -8.22
CA VAL A 10 -6.28 5.19 -8.26
C VAL A 10 -7.51 5.56 -9.09
N SER A 11 -7.71 6.86 -9.33
CA SER A 11 -8.79 7.31 -10.21
C SER A 11 -8.40 7.14 -11.68
N GLN A 12 -9.35 7.33 -12.58
CA GLN A 12 -9.10 7.21 -14.02
C GLN A 12 -7.96 8.12 -14.51
N ASN A 13 -7.84 9.31 -13.91
CA ASN A 13 -6.77 10.25 -14.22
C ASN A 13 -5.50 10.05 -13.38
N MET A 14 -5.35 8.83 -12.86
CA MET A 14 -4.17 8.43 -12.08
C MET A 14 -4.04 9.16 -10.73
N GLY A 15 -5.12 9.79 -10.28
CA GLY A 15 -5.11 10.48 -8.99
C GLY A 15 -5.20 9.58 -7.77
N ILE A 16 -4.42 9.91 -6.74
CA ILE A 16 -4.49 9.22 -5.44
C ILE A 16 -4.77 10.12 -4.22
N GLY A 17 -4.60 11.43 -4.37
CA GLY A 17 -4.80 12.33 -3.24
C GLY A 17 -5.18 13.75 -3.60
N LYS A 18 -5.79 14.44 -2.62
CA LYS A 18 -6.19 15.85 -2.71
C LYS A 18 -6.17 16.45 -1.30
N ASN A 19 -5.37 17.49 -1.11
CA ASN A 19 -5.28 18.20 0.19
C ASN A 19 -5.05 17.31 1.42
N GLY A 20 -4.20 16.30 1.27
CA GLY A 20 -3.87 15.39 2.37
C GLY A 20 -4.96 14.39 2.73
N ASP A 21 -5.92 14.24 1.82
CA ASP A 21 -6.98 13.23 1.95
C ASP A 21 -7.15 12.56 0.58
N LEU A 22 -8.11 11.64 0.47
CA LEU A 22 -8.38 10.98 -0.80
C LEU A 22 -9.26 11.87 -1.72
N PRO A 23 -9.16 11.68 -3.05
CA PRO A 23 -9.92 12.49 -4.01
C PRO A 23 -11.42 12.21 -4.04
N TRP A 24 -11.82 11.01 -3.61
CA TRP A 24 -13.22 10.54 -3.61
C TRP A 24 -13.79 10.52 -2.20
N PRO A 25 -15.14 10.51 -2.08
CA PRO A 25 -15.74 10.33 -0.75
C PRO A 25 -15.42 8.93 -0.24
N PRO A 26 -15.57 8.69 1.09
CA PRO A 26 -15.12 7.40 1.64
C PRO A 26 -15.80 6.19 0.99
N LEU A 27 -14.99 5.27 0.48
CA LEU A 27 -15.50 4.02 -0.07
C LEU A 27 -15.17 2.93 0.93
N ARG A 28 -16.11 2.66 1.83
CA ARG A 28 -15.84 1.78 2.97
C ARG A 28 -15.60 0.34 2.53
N ASN A 29 -16.22 -0.05 1.42
CA ASN A 29 -16.00 -1.40 0.88
C ASN A 29 -14.60 -1.51 0.27
N GLU A 30 -14.11 -0.43 -0.32
CA GLU A 30 -12.76 -0.41 -0.86
C GLU A 30 -11.77 -0.52 0.29
N PHE A 31 -12.01 0.23 1.36
N PHE A 31 -12.05 0.20 1.36
CA PHE A 31 -11.22 0.15 2.59
CA PHE A 31 -11.19 0.11 2.50
C PHE A 31 -11.19 -1.28 3.18
C PHE A 31 -11.17 -1.29 3.14
N LYS A 32 -12.31 -1.99 3.12
CA LYS A 32 -12.37 -3.34 3.64
C LYS A 32 -11.40 -4.26 2.91
N TYR A 33 -11.28 -4.04 1.60
CA TYR A 33 -10.33 -4.79 0.77
C TYR A 33 -8.90 -4.45 1.16
N PHE A 34 -8.59 -3.16 1.22
CA PHE A 34 -7.29 -2.73 1.74
C PHE A 34 -6.94 -3.40 3.08
N GLN A 35 -7.90 -3.38 4.03
N GLN A 35 -7.87 -3.40 4.04
CA GLN A 35 -7.71 -4.00 5.35
CA GLN A 35 -7.66 -4.01 5.35
C GLN A 35 -7.38 -5.46 5.18
C GLN A 35 -7.44 -5.49 5.24
N ARG A 36 -8.22 -6.18 4.43
CA ARG A 36 -8.09 -7.62 4.31
C ARG A 36 -6.75 -8.02 3.69
N MET A 37 -6.38 -7.36 2.61
CA MET A 37 -5.16 -7.74 1.90
C MET A 37 -3.93 -7.41 2.73
N THR A 38 -3.89 -6.24 3.36
CA THR A 38 -2.70 -5.89 4.14
C THR A 38 -2.60 -6.62 5.46
N THR A 39 -3.74 -7.02 6.05
CA THR A 39 -3.73 -7.63 7.41
C THR A 39 -3.56 -9.15 7.38
N THR A 40 -4.06 -9.81 6.34
CA THR A 40 -4.13 -11.28 6.33
C THR A 40 -2.77 -11.93 6.01
N SER A 41 -2.12 -12.41 7.06
CA SER A 41 -0.86 -13.11 6.88
CA SER A 41 -0.86 -13.14 6.95
C SER A 41 -1.11 -14.54 6.42
N SER A 42 -0.07 -15.18 5.90
CA SER A 42 -0.21 -16.53 5.37
C SER A 42 0.03 -17.56 6.45
N VAL A 43 0.49 -17.12 7.62
CA VAL A 43 0.76 -18.06 8.71
C VAL A 43 0.45 -17.46 10.07
N GLU A 44 -0.19 -18.27 10.91
CA GLU A 44 -0.50 -17.88 12.26
C GLU A 44 0.81 -17.59 13.00
N GLY A 45 0.80 -16.55 13.82
CA GLY A 45 1.99 -16.21 14.58
C GLY A 45 2.92 -15.19 13.92
N LYS A 46 2.69 -14.91 12.62
CA LYS A 46 3.38 -13.83 11.93
C LYS A 46 2.38 -12.76 11.53
N GLN A 47 2.80 -11.50 11.62
CA GLN A 47 2.00 -10.37 11.14
C GLN A 47 2.55 -9.88 9.81
N ASN A 48 1.65 -9.33 9.00
CA ASN A 48 2.10 -8.54 7.87
C ASN A 48 2.61 -7.18 8.35
N LEU A 49 3.36 -6.52 7.48
CA LEU A 49 4.01 -5.27 7.83
C LEU A 49 3.65 -4.24 6.78
N VAL A 50 3.35 -3.02 7.22
CA VAL A 50 3.04 -1.91 6.30
C VAL A 50 4.13 -0.85 6.44
N ILE A 51 4.58 -0.33 5.30
CA ILE A 51 5.52 0.80 5.19
C ILE A 51 4.76 1.98 4.60
N MET A 52 4.88 3.17 5.20
CA MET A 52 4.24 4.35 4.63
C MET A 52 5.05 5.62 4.87
N GLY A 53 4.80 6.62 4.03
CA GLY A 53 5.40 7.94 4.20
C GLY A 53 4.81 8.67 5.39
N ARG A 54 5.51 9.71 5.86
CA ARG A 54 5.14 10.41 7.08
C ARG A 54 3.82 11.16 6.89
N LYS A 55 3.59 11.70 5.70
CA LYS A 55 2.35 12.46 5.48
C LYS A 55 1.14 11.53 5.50
N THR A 56 1.26 10.36 4.87
CA THR A 56 0.23 9.34 4.96
C THR A 56 -0.04 8.94 6.43
N TRP A 57 1.02 8.64 7.19
CA TRP A 57 0.83 8.30 8.62
C TRP A 57 -0.07 9.31 9.35
N PHE A 58 0.28 10.58 9.27
CA PHE A 58 -0.47 11.60 10.01
C PHE A 58 -1.84 11.93 9.44
N SER A 59 -2.08 11.54 8.19
CA SER A 59 -3.36 11.78 7.55
C SER A 59 -4.36 10.66 7.86
N ILE A 60 -3.87 9.48 8.24
CA ILE A 60 -4.75 8.41 8.74
C ILE A 60 -5.41 8.87 10.06
N PRO A 61 -6.74 8.72 10.17
CA PRO A 61 -7.37 9.11 11.44
C PRO A 61 -6.66 8.56 12.68
N GLU A 62 -6.41 9.40 13.67
CA GLU A 62 -5.70 8.98 14.88
C GLU A 62 -6.30 7.74 15.54
N LYS A 63 -7.62 7.66 15.55
CA LYS A 63 -8.33 6.53 16.14
C LYS A 63 -8.02 5.20 15.46
N ASN A 64 -7.46 5.26 14.26
CA ASN A 64 -7.11 4.06 13.50
C ASN A 64 -5.62 3.77 13.36
N ARG A 65 -4.81 4.52 14.12
CA ARG A 65 -3.37 4.32 14.17
CA ARG A 65 -3.36 4.33 14.17
C ARG A 65 -2.94 3.60 15.46
N PRO A 66 -1.96 2.69 15.37
CA PRO A 66 -1.35 2.19 14.12
C PRO A 66 -2.36 1.32 13.40
N LEU A 67 -2.14 1.07 12.11
CA LEU A 67 -3.01 0.12 11.41
C LEU A 67 -3.00 -1.20 12.19
N LYS A 68 -4.18 -1.59 12.66
CA LYS A 68 -4.31 -2.69 13.63
C LYS A 68 -3.83 -4.04 13.08
N ASP A 69 -3.15 -4.81 13.92
CA ASP A 69 -2.75 -6.18 13.63
C ASP A 69 -1.71 -6.29 12.48
N ARG A 70 -1.05 -5.18 12.23
CA ARG A 70 0.07 -5.07 11.30
C ARG A 70 1.21 -4.33 11.98
N ILE A 71 2.45 -4.71 11.66
CA ILE A 71 3.59 -3.95 12.15
C ILE A 71 3.71 -2.70 11.27
N ASN A 72 3.79 -1.52 11.87
CA ASN A 72 3.79 -0.26 11.09
C ASN A 72 5.19 0.39 11.11
N ILE A 73 5.72 0.65 9.93
CA ILE A 73 6.96 1.40 9.74
C ILE A 73 6.66 2.71 9.02
N VAL A 74 7.14 3.82 9.58
CA VAL A 74 6.99 5.15 8.99
C VAL A 74 8.36 5.59 8.47
N LEU A 75 8.39 6.09 7.23
CA LEU A 75 9.60 6.71 6.62
C LEU A 75 9.58 8.21 6.85
N SER A 76 10.67 8.76 7.37
CA SER A 76 10.84 10.21 7.51
C SER A 76 12.30 10.53 7.60
N ARG A 77 12.70 11.63 6.96
CA ARG A 77 14.09 12.10 7.05
C ARG A 77 14.25 13.13 8.16
N GLU A 78 13.14 13.64 8.67
CA GLU A 78 13.17 14.72 9.66
C GLU A 78 12.81 14.32 11.08
N LEU A 79 11.86 13.37 11.22
CA LEU A 79 11.58 12.82 12.54
C LEU A 79 12.79 12.04 13.05
N LYS A 80 12.98 12.05 14.35
CA LYS A 80 14.11 11.35 14.96
C LYS A 80 13.65 10.17 15.83
N GLU A 81 12.40 10.23 16.29
CA GLU A 81 11.78 9.15 17.06
C GLU A 81 10.56 8.65 16.26
N PRO A 82 10.23 7.34 16.33
CA PRO A 82 8.97 6.93 15.70
C PRO A 82 7.78 7.72 16.24
N PRO A 83 6.86 8.13 15.36
CA PRO A 83 5.61 8.73 15.83
C PRO A 83 4.92 7.82 16.85
N ARG A 84 4.18 8.42 17.79
CA ARG A 84 3.48 7.63 18.80
C ARG A 84 2.60 6.62 18.09
N GLY A 85 2.74 5.35 18.46
CA GLY A 85 1.95 4.28 17.87
C GLY A 85 2.64 3.50 16.78
N ALA A 86 3.64 4.10 16.14
CA ALA A 86 4.39 3.41 15.09
C ALA A 86 5.41 2.44 15.70
N HIS A 87 5.61 1.30 15.05
CA HIS A 87 6.56 0.32 15.60
C HIS A 87 8.01 0.68 15.31
N PHE A 88 8.26 1.18 14.10
CA PHE A 88 9.62 1.59 13.73
C PHE A 88 9.60 2.84 12.87
N LEU A 89 10.71 3.57 12.93
CA LEU A 89 11.00 4.70 12.07
CA LEU A 89 11.00 4.69 12.04
C LEU A 89 12.21 4.32 11.21
N ALA A 90 12.16 4.64 9.93
CA ALA A 90 13.33 4.47 9.05
C ALA A 90 13.60 5.74 8.24
N LYS A 91 14.87 6.10 8.03
CA LYS A 91 15.22 7.34 7.29
C LYS A 91 15.26 7.18 5.75
N SER A 92 15.07 5.94 5.28
CA SER A 92 15.06 5.63 3.84
C SER A 92 14.31 4.33 3.62
N LEU A 93 13.86 4.12 2.40
CA LEU A 93 13.20 2.86 2.09
C LEU A 93 14.18 1.68 2.22
N ASP A 94 15.42 1.87 1.81
CA ASP A 94 16.42 0.83 1.92
C ASP A 94 16.72 0.49 3.36
N ASP A 95 16.76 1.49 4.22
CA ASP A 95 16.91 1.17 5.65
C ASP A 95 15.75 0.31 6.14
N ALA A 96 14.53 0.65 5.72
CA ALA A 96 13.37 -0.16 6.14
C ALA A 96 13.43 -1.59 5.64
N LEU A 97 13.78 -1.76 4.37
CA LEU A 97 13.83 -3.09 3.75
C LEU A 97 14.93 -3.96 4.39
N ARG A 98 16.08 -3.34 4.67
CA ARG A 98 17.17 -4.03 5.38
C ARG A 98 16.76 -4.42 6.81
N LEU A 99 16.02 -3.55 7.50
CA LEU A 99 15.54 -3.87 8.84
C LEU A 99 14.64 -5.10 8.81
N ILE A 100 13.76 -5.15 7.82
CA ILE A 100 12.77 -6.22 7.74
C ILE A 100 13.41 -7.58 7.54
N GLU A 101 14.57 -7.59 6.89
CA GLU A 101 15.28 -8.84 6.59
C GLU A 101 16.20 -9.28 7.74
N GLN A 102 16.23 -8.51 8.83
CA GLN A 102 17.04 -8.90 10.00
C GLN A 102 16.44 -10.14 10.63
N PRO A 103 17.29 -11.07 11.11
CA PRO A 103 16.77 -12.34 11.64
C PRO A 103 15.77 -12.23 12.78
N GLU A 104 15.93 -11.22 13.64
CA GLU A 104 15.05 -11.07 14.81
C GLU A 104 13.66 -10.55 14.45
N LEU A 105 13.43 -10.40 13.15
CA LEU A 105 12.07 -10.28 12.63
C LEU A 105 11.59 -11.50 11.80
N ALA A 106 12.46 -12.48 11.57
CA ALA A 106 12.16 -13.63 10.67
C ALA A 106 10.89 -14.34 11.07
N SER A 107 10.82 -14.63 12.33
CA SER A 107 9.60 -15.13 12.87
C SER A 107 8.71 -13.91 13.08
N LYS A 108 9.01 -12.70 12.58
CA LYS A 108 7.93 -11.89 13.12
C LYS A 108 7.30 -11.02 12.05
N VAL A 109 7.48 -11.42 10.79
CA VAL A 109 6.92 -10.67 9.66
C VAL A 109 6.65 -11.63 8.51
N ASP A 110 5.44 -11.57 7.98
CA ASP A 110 5.12 -12.30 6.77
C ASP A 110 5.21 -11.41 5.52
N MET A 111 4.08 -10.89 5.05
CA MET A 111 4.08 -10.04 3.85
C MET A 111 4.45 -8.60 4.16
N VAL A 112 5.09 -7.93 3.19
CA VAL A 112 5.44 -6.52 3.27
C VAL A 112 4.61 -5.73 2.27
N TRP A 113 3.94 -4.68 2.76
CA TRP A 113 3.04 -3.85 1.99
C TRP A 113 3.46 -2.38 2.03
N ILE A 114 3.67 -1.77 0.86
CA ILE A 114 3.83 -0.32 0.73
C ILE A 114 2.43 0.25 0.56
N VAL A 115 2.04 1.15 1.46
CA VAL A 115 0.66 1.64 1.44
C VAL A 115 0.50 3.13 1.09
N GLY A 116 1.60 3.76 0.69
CA GLY A 116 1.57 5.17 0.22
C GLY A 116 2.57 6.03 0.97
N GLY A 117 2.73 7.31 0.58
CA GLY A 117 2.02 7.93 -0.55
C GLY A 117 2.80 7.93 -1.84
N SER A 118 2.56 8.96 -2.66
CA SER A 118 3.12 9.02 -4.02
C SER A 118 4.63 8.81 -4.02
N SER A 119 5.27 9.60 -3.18
N SER A 119 5.32 9.55 -3.17
CA SER A 119 6.69 9.54 -2.95
CA SER A 119 6.76 9.47 -3.09
C SER A 119 7.23 8.09 -2.84
C SER A 119 7.28 8.05 -2.84
N VAL A 120 6.62 7.33 -1.94
CA VAL A 120 7.04 5.98 -1.56
C VAL A 120 6.79 4.95 -2.66
N TYR A 121 5.65 5.08 -3.34
CA TYR A 121 5.37 4.22 -4.50
C TYR A 121 6.44 4.37 -5.58
N GLN A 122 6.77 5.62 -5.87
CA GLN A 122 7.80 6.00 -6.86
C GLN A 122 9.13 5.29 -6.57
N GLU A 123 9.58 5.41 -5.32
CA GLU A 123 10.84 4.80 -4.90
CA GLU A 123 10.84 4.81 -4.88
C GLU A 123 10.83 3.28 -4.95
N ALA A 124 9.72 2.68 -4.50
CA ALA A 124 9.55 1.23 -4.53
C ALA A 124 9.55 0.72 -5.98
N MET A 125 8.89 1.48 -6.86
CA MET A 125 8.81 1.12 -8.27
C MET A 125 10.12 1.30 -9.05
N ASN A 126 11.02 2.14 -8.54
CA ASN A 126 12.37 2.28 -9.11
C ASN A 126 13.28 1.08 -8.82
N GLN A 127 12.85 0.21 -7.90
CA GLN A 127 13.71 -0.85 -7.41
C GLN A 127 13.78 -2.07 -8.33
N PRO A 128 14.96 -2.71 -8.41
CA PRO A 128 15.07 -4.01 -9.07
C PRO A 128 14.40 -5.07 -8.19
N GLY A 129 14.09 -6.23 -8.77
CA GLY A 129 13.50 -7.30 -7.97
C GLY A 129 11.99 -7.40 -8.05
N HIS A 130 11.45 -8.31 -7.24
CA HIS A 130 10.07 -8.76 -7.32
C HIS A 130 9.12 -7.77 -6.65
N LEU A 131 8.29 -7.16 -7.47
CA LEU A 131 7.26 -6.23 -7.00
C LEU A 131 5.89 -6.65 -7.50
N ARG A 132 4.91 -6.62 -6.60
CA ARG A 132 3.51 -6.72 -7.00
C ARG A 132 2.81 -5.39 -6.74
N LEU A 133 1.91 -5.03 -7.64
CA LEU A 133 1.07 -3.85 -7.46
C LEU A 133 -0.38 -4.31 -7.38
N PHE A 134 -0.99 -4.08 -6.23
CA PHE A 134 -2.40 -4.32 -5.99
C PHE A 134 -3.09 -2.97 -6.21
N VAL A 135 -3.70 -2.85 -7.40
CA VAL A 135 -4.25 -1.58 -7.86
C VAL A 135 -5.77 -1.67 -7.92
N THR A 136 -6.43 -0.79 -7.17
CA THR A 136 -7.88 -0.62 -7.31
C THR A 136 -8.12 0.47 -8.32
N ARG A 137 -8.73 0.11 -9.45
CA ARG A 137 -9.08 1.10 -10.47
C ARG A 137 -10.42 1.69 -10.11
N ILE A 138 -10.40 2.93 -9.66
CA ILE A 138 -11.62 3.73 -9.43
CA ILE A 138 -11.66 3.67 -9.45
C ILE A 138 -12.02 4.28 -10.80
N MET A 139 -13.15 3.82 -11.32
CA MET A 139 -13.52 4.04 -12.72
C MET A 139 -14.28 5.36 -12.91
N GLN A 140 -13.60 6.45 -12.55
CA GLN A 140 -14.16 7.79 -12.53
C GLN A 140 -13.01 8.79 -12.37
N GLU A 141 -13.23 10.01 -12.86
CA GLU A 141 -12.25 11.08 -12.67
C GLU A 141 -12.50 11.83 -11.38
N PHE A 142 -11.43 12.19 -10.70
CA PHE A 142 -11.51 13.01 -9.49
C PHE A 142 -10.35 14.01 -9.46
N GLU A 143 -10.66 15.25 -9.08
CA GLU A 143 -9.67 16.30 -8.88
C GLU A 143 -8.63 15.87 -7.84
N SER A 144 -7.35 15.86 -8.23
CA SER A 144 -6.27 15.34 -7.39
C SER A 144 -5.00 16.19 -7.47
N ASP A 145 -4.19 16.15 -6.41
CA ASP A 145 -2.87 16.83 -6.41
C ASP A 145 -1.69 15.89 -6.17
N THR A 146 -2.01 14.63 -5.87
CA THR A 146 -1.04 13.57 -5.65
C THR A 146 -1.44 12.41 -6.57
N PHE A 147 -0.45 11.77 -7.19
CA PHE A 147 -0.70 10.85 -8.30
C PHE A 147 0.16 9.59 -8.23
N PHE A 148 -0.31 8.52 -8.87
CA PHE A 148 0.43 7.26 -8.95
C PHE A 148 1.32 7.21 -10.19
N PRO A 149 2.55 6.65 -10.07
CA PRO A 149 3.45 6.57 -11.22
C PRO A 149 2.90 5.72 -12.37
N GLU A 150 3.38 5.99 -13.58
CA GLU A 150 2.98 5.21 -14.75
C GLU A 150 3.23 3.71 -14.55
N ILE A 151 2.29 2.89 -15.00
CA ILE A 151 2.44 1.44 -15.00
C ILE A 151 2.72 0.94 -16.44
N ASP A 152 4.00 0.79 -16.73
CA ASP A 152 4.48 0.33 -18.03
C ASP A 152 4.15 -1.15 -18.20
N LEU A 153 3.29 -1.47 -19.16
CA LEU A 153 2.84 -2.84 -19.39
C LEU A 153 3.92 -3.72 -20.05
N GLY A 154 5.05 -3.11 -20.42
CA GLY A 154 6.21 -3.86 -20.90
C GLY A 154 7.02 -4.43 -19.74
N LYS A 155 6.75 -3.89 -18.55
CA LYS A 155 7.49 -4.20 -17.35
C LYS A 155 6.62 -4.97 -16.34
N TYR A 156 5.35 -4.59 -16.28
CA TYR A 156 4.39 -5.25 -15.38
C TYR A 156 3.41 -6.11 -16.15
N LYS A 157 3.18 -7.31 -15.64
CA LYS A 157 2.18 -8.19 -16.22
C LYS A 157 0.91 -8.09 -15.39
N LEU A 158 -0.23 -7.89 -16.05
CA LEU A 158 -1.53 -7.96 -15.39
CA LEU A 158 -1.52 -7.97 -15.37
C LEU A 158 -1.86 -9.43 -15.15
N LEU A 159 -1.90 -9.82 -13.89
CA LEU A 159 -2.23 -11.21 -13.57
C LEU A 159 -3.71 -11.42 -13.89
N PRO A 160 -4.02 -12.50 -14.64
CA PRO A 160 -5.42 -12.75 -15.00
C PRO A 160 -6.28 -13.05 -13.78
N GLU A 161 -5.70 -13.67 -12.75
CA GLU A 161 -6.40 -13.96 -11.54
C GLU A 161 -5.35 -13.84 -10.41
N TYR A 162 -5.80 -13.76 -9.18
CA TYR A 162 -4.91 -13.79 -8.04
C TYR A 162 -5.67 -14.37 -6.85
N PRO A 163 -5.04 -15.27 -6.07
CA PRO A 163 -5.79 -15.89 -4.96
C PRO A 163 -6.40 -14.88 -4.00
N GLY A 164 -7.67 -15.05 -3.69
CA GLY A 164 -8.35 -14.18 -2.73
C GLY A 164 -8.82 -12.84 -3.27
N VAL A 165 -8.59 -12.57 -4.56
CA VAL A 165 -8.97 -11.30 -5.20
C VAL A 165 -10.08 -11.55 -6.23
N LEU A 166 -11.23 -10.90 -6.02
CA LEU A 166 -12.36 -11.04 -6.93
CA LEU A 166 -12.38 -11.03 -6.92
C LEU A 166 -12.25 -10.03 -8.07
N SER A 167 -12.64 -10.46 -9.28
CA SER A 167 -12.42 -9.66 -10.50
C SER A 167 -13.60 -8.82 -11.01
N GLU A 168 -14.80 -9.07 -10.48
CA GLU A 168 -16.00 -8.38 -10.94
C GLU A 168 -15.92 -6.90 -10.63
N VAL A 169 -16.54 -6.07 -11.48
CA VAL A 169 -16.69 -4.66 -11.17
C VAL A 169 -17.57 -4.49 -9.92
N GLN A 170 -17.12 -3.64 -9.01
CA GLN A 170 -17.82 -3.33 -7.76
C GLN A 170 -18.40 -1.93 -7.87
N GLU A 171 -19.36 -1.59 -6.99
CA GLU A 171 -19.90 -0.25 -6.94
C GLU A 171 -20.28 0.12 -5.52
N GLU A 172 -19.96 1.35 -5.13
CA GLU A 172 -20.37 1.88 -3.84
C GLU A 172 -20.65 3.37 -4.02
N LYS A 173 -21.80 3.84 -3.53
CA LYS A 173 -22.16 5.26 -3.63
C LYS A 173 -22.10 5.77 -5.07
N GLY A 174 -22.51 4.91 -5.99
CA GLY A 174 -22.56 5.22 -7.42
C GLY A 174 -21.21 5.34 -8.09
N ILE A 175 -20.15 4.90 -7.40
CA ILE A 175 -18.79 4.91 -7.92
C ILE A 175 -18.33 3.48 -8.19
N LYS A 176 -18.00 3.18 -9.44
CA LYS A 176 -17.56 1.84 -9.85
C LYS A 176 -16.05 1.69 -9.66
N TYR A 177 -15.61 0.49 -9.30
CA TYR A 177 -14.18 0.21 -9.15
C TYR A 177 -13.93 -1.29 -9.30
N LYS A 178 -12.68 -1.68 -9.59
CA LYS A 178 -12.33 -3.08 -9.69
C LYS A 178 -10.90 -3.29 -9.21
N PHE A 179 -10.62 -4.54 -8.82
CA PHE A 179 -9.33 -4.90 -8.24
C PHE A 179 -8.42 -5.58 -9.25
N GLU A 180 -7.20 -5.05 -9.39
CA GLU A 180 -6.21 -5.61 -10.32
C GLU A 180 -4.92 -5.96 -9.57
N VAL A 181 -4.19 -6.95 -10.08
CA VAL A 181 -2.88 -7.31 -9.51
C VAL A 181 -1.86 -7.38 -10.65
N TYR A 182 -0.80 -6.60 -10.53
CA TYR A 182 0.31 -6.60 -11.51
C TYR A 182 1.57 -7.16 -10.86
N GLU A 183 2.46 -7.70 -11.69
CA GLU A 183 3.67 -8.28 -11.19
C GLU A 183 4.89 -8.00 -12.07
N LYS A 184 6.00 -7.69 -11.41
CA LYS A 184 7.30 -7.51 -12.04
C LYS A 184 8.24 -8.45 -11.32
N LYS A 185 8.88 -9.35 -12.06
CA LYS A 185 9.76 -10.35 -11.47
C LYS A 185 11.20 -9.85 -11.34
N ASP A 186 12.10 -10.81 -11.10
CA ASP A 186 13.57 -10.71 -11.15
C ASP A 186 14.22 -10.29 -9.82
#